data_5MKO
#
_entry.id   5MKO
#
_cell.length_a   68.860
_cell.length_b   72.320
_cell.length_c   128.280
_cell.angle_alpha   90.00
_cell.angle_beta   90.00
_cell.angle_gamma   90.00
#
_symmetry.space_group_name_H-M   'P 21 21 21'
#
loop_
_entity.id
_entity.type
_entity.pdbx_description
1 polymer 'TtuA PH0300'
2 non-polymer 'ADENOSINE MONOPHOSPHATE'
3 non-polymer 'ZINC ION'
4 non-polymer 'FE2/S2 (INORGANIC) CLUSTER'
5 water water
#
_entity_poly.entity_id   1
_entity_poly.type   'polypeptide(L)'
_entity_poly.pdbx_seq_one_letter_code
;GSSMKCKFCSREAYIKIHYPKMYLCEEHFKEYFERKVSRTIERYKLLTKDERILVAVSGGKDSAVTAYVLKKLGYNIECL
HINLGISGYSEKSEEYAKKQCKLIGAPLHIVRIKEILGYGIGEVKTRRPPCSYCGLTKRYIMNKFAYDNGFDAIATGHNL
DDEASFLLNNILHWNTEYLAKGGPILPQQGKFIKKVKPLYEVTEREVVAYALAVGLEYIVEECPYARGATTLDMKGVLNE
LEEKRPGTKFNFVRGYLKKKKLFEPEIKEKEIKECKICRMPSSGDICAFCKFWGLKKEINFKVSSTDEEPFGP
;
_entity_poly.pdbx_strand_id   A,B
#
loop_
_chem_comp.id
_chem_comp.type
_chem_comp.name
_chem_comp.formula
AMP non-polymer 'ADENOSINE MONOPHOSPHATE' 'C10 H14 N5 O7 P'
FES non-polymer 'FE2/S2 (INORGANIC) CLUSTER' 'Fe2 S2'
ZN non-polymer 'ZINC ION' 'Zn 2'
#
# COMPACT_ATOMS: atom_id res chain seq x y z
N SER A 3 20.78 -9.79 28.48
CA SER A 3 20.99 -9.63 27.04
C SER A 3 21.35 -10.96 26.36
N MET A 4 20.77 -11.22 25.16
CA MET A 4 21.00 -12.42 24.36
C MET A 4 22.41 -12.44 23.75
N LYS A 5 22.90 -13.63 23.36
CA LYS A 5 24.23 -13.81 22.75
C LYS A 5 24.09 -14.14 21.26
N CYS A 6 25.21 -14.12 20.51
CA CYS A 6 25.23 -14.44 19.07
C CYS A 6 24.85 -15.90 18.81
N LYS A 7 24.03 -16.13 17.76
CA LYS A 7 23.57 -17.45 17.31
C LYS A 7 24.71 -18.31 16.75
N PHE A 8 25.87 -17.68 16.44
CA PHE A 8 27.03 -18.32 15.86
C PHE A 8 28.27 -18.31 16.75
N CYS A 9 28.41 -17.33 17.67
CA CYS A 9 29.59 -17.30 18.55
C CYS A 9 29.27 -16.88 19.99
N SER A 10 30.31 -16.90 20.86
CA SER A 10 30.26 -16.56 22.29
C SER A 10 30.53 -15.06 22.53
N ARG A 11 29.84 -14.21 21.78
CA ARG A 11 29.94 -12.75 21.88
C ARG A 11 28.55 -12.17 22.09
N GLU A 12 28.48 -11.01 22.76
CA GLU A 12 27.24 -10.29 23.02
C GLU A 12 26.63 -9.84 21.69
N ALA A 13 25.32 -10.09 21.52
CA ALA A 13 24.57 -9.74 20.30
C ALA A 13 24.55 -8.24 20.08
N TYR A 14 24.95 -7.83 18.87
CA TYR A 14 25.03 -6.44 18.42
C TYR A 14 23.66 -6.00 17.93
N ILE A 15 22.95 -6.88 17.20
CA ILE A 15 21.64 -6.61 16.60
C ILE A 15 20.73 -7.85 16.62
N LYS A 16 19.41 -7.63 16.52
CA LYS A 16 18.40 -8.68 16.43
C LYS A 16 17.73 -8.53 15.07
N ILE A 17 17.82 -9.57 14.23
CA ILE A 17 17.17 -9.58 12.91
C ILE A 17 15.77 -10.16 13.11
N HIS A 18 14.75 -9.43 12.64
CA HIS A 18 13.35 -9.78 12.80
C HIS A 18 12.84 -10.73 11.72
N TYR A 19 13.49 -10.71 10.53
CA TYR A 19 13.17 -11.57 9.40
C TYR A 19 14.44 -12.07 8.66
N PRO A 20 14.93 -13.28 8.98
CA PRO A 20 14.42 -14.24 9.97
C PRO A 20 14.84 -13.89 11.40
N LYS A 21 14.03 -14.27 12.41
CA LYS A 21 14.32 -13.99 13.82
C LYS A 21 15.63 -14.66 14.27
N MET A 22 16.62 -13.83 14.70
CA MET A 22 17.95 -14.24 15.19
C MET A 22 18.76 -13.08 15.79
N TYR A 23 19.70 -13.43 16.69
CA TYR A 23 20.60 -12.48 17.36
C TYR A 23 22.01 -12.73 16.82
N LEU A 24 22.67 -11.65 16.36
CA LEU A 24 24.02 -11.72 15.81
C LEU A 24 24.97 -10.69 16.41
N CYS A 25 26.26 -11.01 16.50
CA CYS A 25 27.28 -10.11 17.01
C CYS A 25 27.78 -9.17 15.88
N GLU A 26 28.67 -8.23 16.23
CA GLU A 26 29.26 -7.24 15.34
C GLU A 26 29.88 -7.87 14.08
N GLU A 27 30.49 -9.05 14.22
CA GLU A 27 31.17 -9.78 13.15
C GLU A 27 30.24 -10.66 12.31
N HIS A 28 29.32 -11.39 12.95
CA HIS A 28 28.40 -12.27 12.23
C HIS A 28 27.31 -11.49 11.50
N PHE A 29 27.06 -10.24 11.92
CA PHE A 29 26.11 -9.36 11.25
C PHE A 29 26.74 -8.83 9.96
N LYS A 30 28.03 -8.38 10.02
CA LYS A 30 28.82 -7.88 8.89
C LYS A 30 28.81 -8.93 7.77
N GLU A 31 29.15 -10.19 8.12
CA GLU A 31 29.16 -11.36 7.26
C GLU A 31 27.76 -11.61 6.65
N TYR A 32 26.70 -11.57 7.50
CA TYR A 32 25.29 -11.75 7.11
C TYR A 32 24.90 -10.71 6.06
N PHE A 33 25.15 -9.42 6.37
CA PHE A 33 24.85 -8.25 5.54
C PHE A 33 25.49 -8.39 4.16
N GLU A 34 26.82 -8.62 4.14
CA GLU A 34 27.65 -8.80 2.94
C GLU A 34 27.13 -9.94 2.06
N ARG A 35 26.75 -11.07 2.70
CA ARG A 35 26.22 -12.26 2.04
C ARG A 35 24.84 -11.99 1.45
N LYS A 36 24.02 -11.21 2.17
CA LYS A 36 22.67 -10.83 1.77
C LYS A 36 22.71 -9.92 0.54
N VAL A 37 23.74 -9.05 0.44
CA VAL A 37 23.96 -8.12 -0.67
C VAL A 37 24.45 -8.93 -1.87
N SER A 38 25.38 -9.87 -1.62
CA SER A 38 25.94 -10.81 -2.59
C SER A 38 24.82 -11.60 -3.26
N ARG A 39 23.85 -12.06 -2.46
CA ARG A 39 22.67 -12.81 -2.90
C ARG A 39 21.77 -11.97 -3.80
N THR A 40 21.59 -10.66 -3.47
CA THR A 40 20.80 -9.71 -4.25
C THR A 40 21.42 -9.53 -5.66
N ILE A 41 22.76 -9.39 -5.71
CA ILE A 41 23.51 -9.22 -6.96
C ILE A 41 23.38 -10.50 -7.83
N GLU A 42 23.37 -11.69 -7.19
CA GLU A 42 23.20 -12.99 -7.87
C GLU A 42 21.77 -13.19 -8.36
N ARG A 43 20.77 -12.93 -7.48
CA ARG A 43 19.34 -13.09 -7.71
C ARG A 43 18.85 -12.42 -9.00
N TYR A 44 19.04 -11.10 -9.12
CA TYR A 44 18.56 -10.32 -10.26
C TYR A 44 19.64 -10.07 -11.31
N LYS A 45 20.81 -10.77 -11.19
CA LYS A 45 21.97 -10.67 -12.10
C LYS A 45 22.36 -9.21 -12.33
N LEU A 46 22.54 -8.50 -11.19
CA LEU A 46 22.85 -7.09 -11.10
C LEU A 46 24.18 -6.75 -11.73
N LEU A 47 25.28 -7.35 -11.21
CA LEU A 47 26.63 -7.07 -11.67
C LEU A 47 27.49 -8.31 -11.85
N THR A 48 28.60 -8.15 -12.58
CA THR A 48 29.66 -9.15 -12.80
C THR A 48 30.93 -8.51 -12.22
N LYS A 49 31.94 -9.33 -11.88
CA LYS A 49 33.17 -8.78 -11.29
C LYS A 49 34.11 -8.11 -12.31
N ASP A 50 33.85 -8.30 -13.61
CA ASP A 50 34.65 -7.70 -14.69
C ASP A 50 34.28 -6.25 -15.01
N GLU A 51 33.00 -5.88 -14.76
CA GLU A 51 32.42 -4.54 -14.99
C GLU A 51 33.08 -3.43 -14.18
N ARG A 52 33.14 -2.21 -14.77
CA ARG A 52 33.60 -0.99 -14.11
C ARG A 52 32.36 -0.32 -13.54
N ILE A 53 32.20 -0.38 -12.21
CA ILE A 53 31.04 0.15 -11.48
C ILE A 53 31.27 1.56 -10.93
N LEU A 54 30.29 2.45 -11.14
CA LEU A 54 30.33 3.81 -10.62
C LEU A 54 29.32 3.94 -9.48
N VAL A 55 29.82 4.15 -8.26
CA VAL A 55 28.96 4.31 -7.10
C VAL A 55 28.69 5.80 -6.86
N ALA A 56 27.43 6.21 -6.99
CA ALA A 56 27.00 7.58 -6.78
C ALA A 56 26.93 7.77 -5.27
N VAL A 57 27.91 8.46 -4.69
CA VAL A 57 28.02 8.67 -3.24
C VAL A 57 27.54 10.07 -2.85
N SER A 58 26.52 10.11 -1.99
CA SER A 58 25.86 11.34 -1.53
C SER A 58 26.49 11.97 -0.29
N GLY A 59 27.16 11.16 0.52
CA GLY A 59 27.71 11.55 1.81
C GLY A 59 26.91 10.89 2.92
N GLY A 60 25.76 10.32 2.55
CA GLY A 60 24.88 9.57 3.44
C GLY A 60 25.30 8.11 3.56
N LYS A 61 24.73 7.41 4.55
CA LYS A 61 24.98 6.01 4.91
C LYS A 61 24.83 5.00 3.78
N ASP A 62 23.74 5.08 3.04
CA ASP A 62 23.31 4.16 2.00
C ASP A 62 24.33 3.97 0.88
N SER A 63 24.73 5.05 0.20
CA SER A 63 25.72 5.00 -0.87
C SER A 63 27.14 4.67 -0.36
N ALA A 64 27.44 5.05 0.91
CA ALA A 64 28.71 4.77 1.58
C ALA A 64 28.85 3.27 1.82
N VAL A 65 27.76 2.62 2.29
CA VAL A 65 27.70 1.18 2.55
C VAL A 65 27.67 0.41 1.23
N THR A 66 27.01 0.96 0.18
CA THR A 66 26.96 0.34 -1.15
C THR A 66 28.39 0.18 -1.67
N ALA A 67 29.15 1.30 -1.68
CA ALA A 67 30.54 1.34 -2.12
C ALA A 67 31.41 0.39 -1.28
N TYR A 68 31.28 0.46 0.07
CA TYR A 68 32.04 -0.37 1.01
C TYR A 68 31.85 -1.87 0.74
N VAL A 69 30.59 -2.34 0.72
CA VAL A 69 30.26 -3.76 0.51
C VAL A 69 30.76 -4.26 -0.87
N LEU A 70 30.51 -3.49 -1.95
CA LEU A 70 30.98 -3.83 -3.31
C LEU A 70 32.52 -3.94 -3.36
N LYS A 71 33.22 -3.05 -2.67
CA LYS A 71 34.68 -3.06 -2.59
C LYS A 71 35.20 -4.31 -1.85
N LYS A 72 34.56 -4.65 -0.70
CA LYS A 72 34.84 -5.82 0.14
C LYS A 72 34.55 -7.12 -0.60
N LEU A 73 33.45 -7.15 -1.40
CA LEU A 73 33.06 -8.31 -2.19
C LEU A 73 33.97 -8.54 -3.41
N GLY A 74 34.91 -7.61 -3.63
CA GLY A 74 35.87 -7.67 -4.72
C GLY A 74 35.36 -7.22 -6.06
N TYR A 75 34.76 -6.02 -6.10
CA TYR A 75 34.25 -5.42 -7.35
C TYR A 75 35.15 -4.24 -7.79
N ASN A 76 35.12 -3.93 -9.10
CA ASN A 76 35.89 -2.84 -9.71
C ASN A 76 35.05 -1.55 -9.60
N ILE A 77 35.19 -0.83 -8.47
CA ILE A 77 34.40 0.38 -8.23
C ILE A 77 35.22 1.67 -8.22
N GLU A 78 34.53 2.75 -8.57
CA GLU A 78 34.95 4.14 -8.55
C GLU A 78 33.72 4.91 -8.08
N CYS A 79 33.93 6.06 -7.43
CA CYS A 79 32.83 6.79 -6.83
C CYS A 79 32.65 8.20 -7.37
N LEU A 80 31.39 8.65 -7.43
CA LEU A 80 31.05 10.00 -7.85
C LEU A 80 30.25 10.74 -6.80
N HIS A 81 30.71 11.93 -6.42
CA HIS A 81 29.98 12.79 -5.52
C HIS A 81 29.61 14.06 -6.27
N ILE A 82 28.33 14.43 -6.22
CA ILE A 82 27.85 15.66 -6.86
C ILE A 82 27.57 16.70 -5.79
N ASN A 83 28.33 17.80 -5.79
CA ASN A 83 28.18 18.91 -4.86
C ASN A 83 27.15 19.85 -5.48
N LEU A 84 25.95 19.91 -4.89
CA LEU A 84 24.85 20.73 -5.37
C LEU A 84 24.95 22.23 -4.99
N GLY A 85 26.10 22.63 -4.43
CA GLY A 85 26.41 24.01 -4.06
C GLY A 85 25.50 24.68 -3.05
N ILE A 86 24.87 23.87 -2.17
CA ILE A 86 24.00 24.38 -1.10
C ILE A 86 24.93 24.81 0.03
N SER A 87 25.02 26.14 0.27
CA SER A 87 25.88 26.72 1.30
C SER A 87 25.44 26.33 2.70
N GLY A 88 26.32 25.58 3.36
CA GLY A 88 26.10 25.07 4.71
C GLY A 88 25.67 23.62 4.75
N TYR A 89 25.54 22.97 3.57
CA TYR A 89 25.14 21.57 3.45
C TYR A 89 26.06 20.79 2.52
N SER A 90 26.39 21.35 1.34
CA SER A 90 27.20 20.67 0.33
C SER A 90 28.65 20.49 0.74
N GLU A 91 29.21 21.44 1.51
CA GLU A 91 30.61 21.37 1.96
C GLU A 91 30.82 20.21 2.92
N LYS A 92 29.89 20.03 3.89
CA LYS A 92 29.95 18.94 4.87
C LYS A 92 29.76 17.58 4.21
N SER A 93 28.81 17.51 3.23
CA SER A 93 28.48 16.31 2.45
C SER A 93 29.65 15.86 1.57
N GLU A 94 30.40 16.83 1.00
CA GLU A 94 31.57 16.56 0.18
C GLU A 94 32.68 16.00 1.05
N GLU A 95 32.85 16.57 2.26
CA GLU A 95 33.85 16.13 3.22
C GLU A 95 33.53 14.73 3.72
N TYR A 96 32.25 14.44 3.97
CA TYR A 96 31.80 13.12 4.42
C TYR A 96 32.09 12.04 3.37
N ALA A 97 31.83 12.34 2.08
CA ALA A 97 32.08 11.46 0.94
C ALA A 97 33.58 11.15 0.80
N LYS A 98 34.44 12.17 1.00
CA LYS A 98 35.91 12.06 0.96
C LYS A 98 36.39 11.07 2.02
N LYS A 99 35.94 11.27 3.28
CA LYS A 99 36.23 10.41 4.45
C LYS A 99 35.84 8.96 4.15
N GLN A 100 34.61 8.76 3.62
CA GLN A 100 34.06 7.44 3.28
C GLN A 100 34.93 6.72 2.25
N CYS A 101 35.16 7.35 1.10
CA CYS A 101 35.97 6.80 0.01
C CYS A 101 37.41 6.55 0.41
N LYS A 102 37.92 7.32 1.41
CA LYS A 102 39.28 7.15 1.93
C LYS A 102 39.33 5.82 2.70
N LEU A 103 38.39 5.60 3.64
CA LEU A 103 38.26 4.39 4.46
C LEU A 103 38.01 3.17 3.59
N ILE A 104 37.11 3.30 2.58
CA ILE A 104 36.75 2.25 1.63
C ILE A 104 37.97 1.90 0.77
N GLY A 105 38.69 2.93 0.35
CA GLY A 105 39.87 2.79 -0.49
C GLY A 105 39.48 2.72 -1.96
N ALA A 106 38.51 3.55 -2.35
CA ALA A 106 38.01 3.63 -3.71
C ALA A 106 38.23 5.02 -4.29
N PRO A 107 38.56 5.13 -5.61
CA PRO A 107 38.75 6.46 -6.21
C PRO A 107 37.49 7.31 -6.18
N LEU A 108 37.60 8.58 -5.79
CA LEU A 108 36.45 9.47 -5.73
C LEU A 108 36.58 10.64 -6.70
N HIS A 109 35.54 10.85 -7.51
CA HIS A 109 35.42 11.93 -8.47
C HIS A 109 34.36 12.88 -7.96
N ILE A 110 34.65 14.18 -7.97
CA ILE A 110 33.75 15.21 -7.47
C ILE A 110 33.35 16.17 -8.58
N VAL A 111 32.04 16.41 -8.72
CA VAL A 111 31.44 17.34 -9.68
C VAL A 111 30.70 18.44 -8.88
N ARG A 112 31.15 19.69 -9.03
CA ARG A 112 30.57 20.85 -8.35
C ARG A 112 29.68 21.60 -9.35
N ILE A 113 28.34 21.53 -9.17
CA ILE A 113 27.36 22.15 -10.08
C ILE A 113 27.50 23.68 -10.15
N LYS A 114 27.99 24.35 -9.05
CA LYS A 114 28.18 25.81 -9.04
C LYS A 114 29.33 26.21 -9.95
N GLU A 115 30.28 25.29 -10.18
CA GLU A 115 31.42 25.52 -11.08
C GLU A 115 31.01 25.23 -12.54
N ILE A 116 30.29 24.14 -12.77
CA ILE A 116 29.86 23.73 -14.11
C ILE A 116 28.69 24.57 -14.65
N LEU A 117 27.58 24.66 -13.89
CA LEU A 117 26.36 25.35 -14.30
C LEU A 117 26.28 26.83 -13.86
N GLY A 118 27.26 27.29 -13.09
CA GLY A 118 27.32 28.66 -12.60
C GLY A 118 26.56 28.92 -11.31
N TYR A 119 25.37 28.28 -11.18
CA TYR A 119 24.48 28.40 -10.02
C TYR A 119 24.44 27.10 -9.24
N GLY A 120 24.30 27.20 -7.92
CA GLY A 120 24.09 26.07 -7.03
C GLY A 120 22.59 25.82 -6.94
N ILE A 121 22.18 24.74 -6.26
CA ILE A 121 20.74 24.46 -6.12
C ILE A 121 20.14 25.41 -5.06
N GLY A 122 19.01 26.03 -5.42
CA GLY A 122 18.32 27.00 -4.60
C GLY A 122 18.66 28.43 -5.00
N GLU A 123 19.67 28.59 -5.86
CA GLU A 123 20.16 29.89 -6.34
C GLU A 123 19.43 30.40 -7.59
N VAL A 124 18.99 29.48 -8.47
CA VAL A 124 18.28 29.82 -9.71
C VAL A 124 16.92 30.48 -9.45
N LYS A 125 16.60 31.55 -10.22
CA LYS A 125 15.34 32.29 -10.11
C LYS A 125 14.21 31.39 -10.63
N THR A 126 13.69 30.52 -9.75
CA THR A 126 12.66 29.54 -10.05
C THR A 126 11.56 29.50 -9.00
N ARG A 127 10.31 29.27 -9.44
CA ARG A 127 9.14 29.17 -8.57
C ARG A 127 9.01 27.72 -8.10
N ARG A 128 9.50 26.78 -8.94
CA ARG A 128 9.55 25.33 -8.73
C ARG A 128 10.47 25.02 -7.53
N PRO A 129 10.09 24.10 -6.61
CA PRO A 129 10.94 23.82 -5.43
C PRO A 129 12.34 23.27 -5.75
N PRO A 130 13.38 23.60 -4.93
CA PRO A 130 14.75 23.13 -5.23
C PRO A 130 14.96 21.63 -5.21
N CYS A 131 14.06 20.88 -4.56
CA CYS A 131 14.11 19.42 -4.45
C CYS A 131 13.57 18.70 -5.69
N SER A 132 12.85 19.44 -6.56
CA SER A 132 12.27 18.94 -7.80
C SER A 132 13.33 18.85 -8.89
N TYR A 133 14.03 19.97 -9.18
CA TYR A 133 15.08 20.00 -10.19
C TYR A 133 16.41 19.42 -9.67
N CYS A 134 16.44 19.02 -8.40
CA CYS A 134 17.56 18.40 -7.70
C CYS A 134 17.79 17.01 -8.31
N GLY A 135 16.75 16.18 -8.28
CA GLY A 135 16.74 14.81 -8.80
C GLY A 135 17.07 14.74 -10.28
N LEU A 136 16.55 15.71 -11.07
CA LEU A 136 16.81 15.86 -12.49
C LEU A 136 18.31 16.13 -12.71
N THR A 137 18.91 17.03 -11.88
CA THR A 137 20.32 17.41 -11.97
C THR A 137 21.25 16.24 -11.57
N LYS A 138 20.95 15.53 -10.47
CA LYS A 138 21.74 14.39 -10.00
C LYS A 138 21.73 13.21 -10.97
N ARG A 139 20.52 12.77 -11.37
CA ARG A 139 20.29 11.64 -12.29
C ARG A 139 20.98 11.82 -13.64
N TYR A 140 21.01 13.08 -14.18
CA TYR A 140 21.63 13.43 -15.45
C TYR A 140 23.15 13.40 -15.36
N ILE A 141 23.70 14.13 -14.36
CA ILE A 141 25.14 14.22 -14.10
C ILE A 141 25.72 12.85 -13.83
N MET A 142 25.05 12.00 -13.01
CA MET A 142 25.59 10.66 -12.75
C MET A 142 25.51 9.78 -13.99
N ASN A 143 24.51 9.99 -14.88
CA ASN A 143 24.41 9.20 -16.11
C ASN A 143 25.46 9.65 -17.13
N LYS A 144 25.56 10.98 -17.40
CA LYS A 144 26.53 11.50 -18.36
C LYS A 144 27.97 11.28 -17.90
N PHE A 145 28.23 11.34 -16.57
CA PHE A 145 29.57 11.07 -16.02
C PHE A 145 29.96 9.63 -16.34
N ALA A 146 29.06 8.66 -16.04
CA ALA A 146 29.25 7.23 -16.28
C ALA A 146 29.48 6.94 -17.77
N TYR A 147 28.68 7.59 -18.64
CA TYR A 147 28.75 7.44 -20.09
C TYR A 147 30.03 8.04 -20.66
N ASP A 148 30.37 9.28 -20.26
CA ASP A 148 31.56 9.99 -20.72
C ASP A 148 32.87 9.32 -20.32
N ASN A 149 32.83 8.49 -19.25
CA ASN A 149 33.99 7.78 -18.70
C ASN A 149 33.97 6.27 -18.91
N GLY A 150 33.06 5.79 -19.76
CA GLY A 150 32.92 4.38 -20.12
C GLY A 150 32.67 3.39 -18.99
N PHE A 151 31.86 3.78 -18.01
CA PHE A 151 31.50 2.91 -16.89
C PHE A 151 30.38 1.97 -17.33
N ASP A 152 30.49 0.71 -16.93
CA ASP A 152 29.53 -0.34 -17.30
C ASP A 152 28.22 -0.30 -16.54
N ALA A 153 28.24 0.21 -15.30
CA ALA A 153 27.07 0.29 -14.44
C ALA A 153 27.16 1.41 -13.40
N ILE A 154 25.99 1.89 -12.92
CA ILE A 154 25.85 2.88 -11.86
C ILE A 154 25.15 2.16 -10.71
N ALA A 155 25.68 2.27 -9.49
CA ALA A 155 25.08 1.67 -8.32
C ALA A 155 24.68 2.76 -7.33
N THR A 156 23.44 2.72 -6.86
CA THR A 156 22.90 3.68 -5.91
C THR A 156 22.67 3.02 -4.56
N GLY A 157 22.44 3.83 -3.54
CA GLY A 157 22.26 3.39 -2.15
C GLY A 157 20.86 2.96 -1.73
N HIS A 158 19.87 2.94 -2.65
CA HIS A 158 18.48 2.56 -2.35
C HIS A 158 18.34 1.19 -1.66
N ASN A 159 17.80 1.23 -0.42
CA ASN A 159 17.58 0.07 0.42
C ASN A 159 16.12 -0.44 0.31
N LEU A 160 15.79 -1.52 1.05
CA LEU A 160 14.45 -2.13 1.07
C LEU A 160 13.35 -1.14 1.46
N ASP A 161 13.63 -0.32 2.49
CA ASP A 161 12.72 0.72 3.00
C ASP A 161 12.40 1.75 1.94
N ASP A 162 13.41 2.16 1.14
CA ASP A 162 13.24 3.12 0.04
C ASP A 162 12.29 2.59 -1.03
N GLU A 163 12.44 1.31 -1.36
CA GLU A 163 11.60 0.63 -2.35
C GLU A 163 10.17 0.42 -1.82
N ALA A 164 10.05 -0.09 -0.58
CA ALA A 164 8.76 -0.33 0.08
C ALA A 164 7.94 0.96 0.14
N SER A 165 8.55 2.09 0.59
CA SER A 165 7.91 3.41 0.67
C SER A 165 7.54 3.99 -0.70
N PHE A 166 8.37 3.77 -1.72
CA PHE A 166 8.10 4.24 -3.09
C PHE A 166 6.88 3.48 -3.65
N LEU A 167 6.80 2.14 -3.39
CA LEU A 167 5.68 1.30 -3.81
C LEU A 167 4.41 1.77 -3.12
N LEU A 168 4.46 1.88 -1.77
CA LEU A 168 3.33 2.34 -0.97
C LEU A 168 2.83 3.70 -1.43
N ASN A 169 3.73 4.64 -1.66
CA ASN A 169 3.32 5.98 -2.10
C ASN A 169 2.66 5.99 -3.47
N ASN A 170 3.17 5.19 -4.42
CA ASN A 170 2.62 5.15 -5.78
C ASN A 170 1.40 4.27 -5.89
N ILE A 171 1.21 3.36 -4.91
CA ILE A 171 0.03 2.49 -4.86
C ILE A 171 -1.12 3.36 -4.36
N LEU A 172 -0.86 4.18 -3.33
CA LEU A 172 -1.83 5.12 -2.74
C LEU A 172 -2.31 6.18 -3.75
N HIS A 173 -1.41 6.64 -4.64
CA HIS A 173 -1.70 7.62 -5.68
C HIS A 173 -2.06 6.98 -7.02
N TRP A 174 -1.92 5.64 -7.11
CA TRP A 174 -2.18 4.84 -8.31
C TRP A 174 -1.41 5.40 -9.54
N ASN A 175 -0.08 5.60 -9.33
CA ASN A 175 0.90 6.05 -10.31
C ASN A 175 1.44 4.77 -10.95
N THR A 176 0.62 4.20 -11.83
CA THR A 176 0.85 2.94 -12.54
C THR A 176 2.03 2.99 -13.51
N GLU A 177 2.43 4.19 -13.97
CA GLU A 177 3.57 4.37 -14.85
C GLU A 177 4.87 4.23 -14.04
N TYR A 178 4.90 4.77 -12.79
CA TYR A 178 6.04 4.66 -11.88
C TYR A 178 6.16 3.24 -11.34
N LEU A 179 5.02 2.55 -11.20
CA LEU A 179 4.92 1.17 -10.71
C LEU A 179 5.43 0.16 -11.73
N ALA A 180 5.46 0.53 -13.00
CA ALA A 180 5.98 -0.34 -14.05
C ALA A 180 7.50 -0.22 -14.16
N LYS A 181 8.07 0.94 -13.77
CA LYS A 181 9.49 1.28 -13.89
C LYS A 181 10.35 1.03 -12.63
N GLY A 182 9.80 0.34 -11.63
CA GLY A 182 10.52 0.01 -10.39
C GLY A 182 11.37 -1.25 -10.48
N GLY A 183 11.89 -1.68 -9.33
CA GLY A 183 12.74 -2.88 -9.25
C GLY A 183 14.22 -2.59 -9.00
N PRO A 184 15.09 -3.63 -8.96
CA PRO A 184 16.51 -3.40 -8.66
C PRO A 184 17.41 -3.04 -9.84
N ILE A 185 16.93 -3.24 -11.09
CA ILE A 185 17.68 -2.98 -12.33
C ILE A 185 16.93 -2.06 -13.28
N LEU A 186 17.66 -1.08 -13.81
CA LEU A 186 17.20 -0.19 -14.87
C LEU A 186 18.19 -0.56 -15.97
N PRO A 187 17.86 -1.58 -16.81
CA PRO A 187 18.83 -2.01 -17.83
C PRO A 187 19.18 -0.93 -18.85
N GLN A 188 20.44 -0.96 -19.30
CA GLN A 188 21.03 -0.02 -20.26
C GLN A 188 20.22 0.12 -21.54
N GLN A 189 19.74 1.34 -21.82
CA GLN A 189 18.97 1.69 -23.02
C GLN A 189 19.61 2.91 -23.68
N GLY A 190 20.46 2.65 -24.67
CA GLY A 190 21.19 3.67 -25.41
C GLY A 190 22.24 4.35 -24.54
N LYS A 191 22.21 5.69 -24.50
CA LYS A 191 23.15 6.50 -23.71
C LYS A 191 22.81 6.49 -22.21
N PHE A 192 21.76 5.74 -21.81
CA PHE A 192 21.35 5.55 -20.41
C PHE A 192 22.10 4.33 -19.89
N ILE A 193 23.07 4.54 -19.01
CA ILE A 193 23.88 3.48 -18.39
C ILE A 193 22.99 2.64 -17.44
N LYS A 194 23.33 1.34 -17.29
CA LYS A 194 22.63 0.41 -16.42
C LYS A 194 22.74 0.91 -14.97
N LYS A 195 21.59 1.08 -14.31
CA LYS A 195 21.49 1.51 -12.91
C LYS A 195 21.09 0.28 -12.09
N VAL A 196 21.78 0.04 -10.97
CA VAL A 196 21.48 -1.12 -10.11
C VAL A 196 21.36 -0.71 -8.63
N LYS A 197 20.62 -1.53 -7.85
CA LYS A 197 20.39 -1.31 -6.41
C LYS A 197 20.90 -2.52 -5.58
N PRO A 198 22.20 -2.58 -5.23
CA PRO A 198 22.71 -3.74 -4.47
C PRO A 198 22.10 -3.92 -3.07
N LEU A 199 21.60 -2.83 -2.47
CA LEU A 199 20.98 -2.85 -1.12
C LEU A 199 19.45 -3.07 -1.15
N TYR A 200 18.92 -3.52 -2.29
CA TYR A 200 17.50 -3.75 -2.54
C TYR A 200 16.76 -4.59 -1.49
N GLU A 201 17.43 -5.59 -0.88
CA GLU A 201 16.79 -6.48 0.09
C GLU A 201 17.27 -6.26 1.54
N VAL A 202 18.07 -5.20 1.80
CA VAL A 202 18.51 -4.89 3.16
C VAL A 202 17.74 -3.69 3.70
N THR A 203 17.38 -3.73 4.99
CA THR A 203 16.62 -2.66 5.65
C THR A 203 17.52 -1.51 6.03
N GLU A 204 16.96 -0.28 6.16
CA GLU A 204 17.65 0.94 6.60
C GLU A 204 18.30 0.73 7.96
N ARG A 205 17.62 -0.03 8.85
CA ARG A 205 18.06 -0.41 10.20
C ARG A 205 19.35 -1.24 10.12
N GLU A 206 19.41 -2.17 9.13
CA GLU A 206 20.59 -3.02 8.89
C GLU A 206 21.72 -2.17 8.31
N VAL A 207 21.38 -1.17 7.46
CA VAL A 207 22.34 -0.26 6.84
C VAL A 207 23.01 0.62 7.91
N VAL A 208 22.21 1.15 8.87
CA VAL A 208 22.69 1.97 10.00
C VAL A 208 23.65 1.14 10.88
N ALA A 209 23.28 -0.11 11.21
CA ALA A 209 24.08 -1.02 12.01
C ALA A 209 25.37 -1.43 11.31
N TYR A 210 25.34 -1.57 9.98
CA TYR A 210 26.54 -1.95 9.22
C TYR A 210 27.55 -0.80 9.16
N ALA A 211 27.06 0.42 8.85
CA ALA A 211 27.85 1.66 8.78
C ALA A 211 28.56 1.94 10.13
N LEU A 212 27.85 1.75 11.26
CA LEU A 212 28.40 1.94 12.61
C LEU A 212 29.50 0.92 12.92
N ALA A 213 29.28 -0.36 12.53
CA ALA A 213 30.22 -1.47 12.74
C ALA A 213 31.53 -1.34 11.98
N VAL A 214 31.49 -0.88 10.70
CA VAL A 214 32.69 -0.76 9.87
C VAL A 214 33.40 0.60 10.04
N GLY A 215 32.76 1.51 10.79
CA GLY A 215 33.31 2.82 11.08
C GLY A 215 33.04 3.89 10.03
N LEU A 216 31.89 3.81 9.33
CA LEU A 216 31.49 4.79 8.34
C LEU A 216 30.68 5.91 8.96
N GLU A 217 31.18 7.14 8.82
CA GLU A 217 30.57 8.36 9.32
C GLU A 217 29.82 8.96 8.14
N TYR A 218 28.59 9.47 8.38
CA TYR A 218 27.73 9.98 7.31
C TYR A 218 26.81 11.13 7.73
N ILE A 219 26.16 11.75 6.73
CA ILE A 219 25.17 12.81 6.94
C ILE A 219 23.81 12.18 7.16
N VAL A 220 23.11 12.61 8.22
CA VAL A 220 21.76 12.16 8.54
C VAL A 220 20.86 13.28 8.05
N GLU A 221 21.39 14.52 8.08
CA GLU A 221 20.70 15.76 7.72
C GLU A 221 20.04 15.69 6.35
N GLU A 222 18.70 15.86 6.34
CA GLU A 222 17.88 15.88 5.13
C GLU A 222 18.13 17.23 4.45
N CYS A 223 17.59 17.42 3.23
CA CYS A 223 17.79 18.67 2.51
C CYS A 223 17.09 19.87 3.18
N PRO A 224 17.81 21.01 3.39
CA PRO A 224 17.18 22.17 4.04
C PRO A 224 16.08 22.85 3.21
N TYR A 225 16.01 22.55 1.89
CA TYR A 225 15.01 23.09 0.96
C TYR A 225 13.74 22.23 0.83
N ALA A 226 13.65 21.13 1.61
CA ALA A 226 12.52 20.18 1.58
C ALA A 226 11.23 20.70 2.20
N ARG A 227 10.10 20.46 1.52
CA ARG A 227 8.76 20.86 1.98
C ARG A 227 7.87 19.61 2.03
N GLY A 228 7.81 19.00 3.21
CA GLY A 228 7.03 17.81 3.47
C GLY A 228 7.88 16.57 3.64
N ALA A 229 7.43 15.65 4.52
CA ALA A 229 8.10 14.38 4.81
C ALA A 229 7.24 13.18 4.39
N THR A 230 6.92 13.09 3.07
CA THR A 230 6.10 12.02 2.48
C THR A 230 6.74 10.64 2.66
N THR A 231 8.04 10.51 2.32
CA THR A 231 8.80 9.26 2.44
C THR A 231 8.88 8.78 3.89
N LEU A 232 9.15 9.70 4.85
CA LEU A 232 9.23 9.40 6.28
C LEU A 232 7.90 8.91 6.84
N ASP A 233 6.78 9.45 6.31
CA ASP A 233 5.43 9.06 6.67
C ASP A 233 5.19 7.61 6.23
N MET A 234 5.58 7.27 4.96
CA MET A 234 5.44 5.92 4.41
C MET A 234 6.33 4.94 5.15
N LYS A 235 7.57 5.37 5.46
CA LYS A 235 8.56 4.57 6.19
C LYS A 235 8.11 4.23 7.60
N GLY A 236 7.60 5.21 8.34
CA GLY A 236 7.09 5.02 9.69
C GLY A 236 5.93 4.04 9.73
N VAL A 237 5.02 4.16 8.75
CA VAL A 237 3.84 3.32 8.58
C VAL A 237 4.25 1.86 8.31
N LEU A 238 5.20 1.64 7.37
CA LEU A 238 5.69 0.30 7.01
C LEU A 238 6.50 -0.33 8.15
N ASN A 239 7.15 0.52 8.99
CA ASN A 239 7.91 0.08 10.16
C ASN A 239 6.96 -0.41 11.25
N GLU A 240 5.80 0.27 11.40
CA GLU A 240 4.74 -0.10 12.34
C GLU A 240 4.22 -1.50 11.94
N LEU A 241 3.90 -1.69 10.64
CA LEU A 241 3.43 -2.95 10.06
C LEU A 241 4.45 -4.06 10.22
N GLU A 242 5.75 -3.75 9.99
CA GLU A 242 6.87 -4.68 10.11
C GLU A 242 7.05 -5.17 11.54
N GLU A 243 6.86 -4.25 12.53
CA GLU A 243 6.96 -4.51 13.97
C GLU A 243 5.96 -5.59 14.42
N LYS A 244 4.75 -5.57 13.84
CA LYS A 244 3.69 -6.53 14.15
C LYS A 244 3.90 -7.82 13.34
N ARG A 245 4.10 -7.70 12.01
CA ARG A 245 4.31 -8.82 11.10
C ARG A 245 5.68 -8.71 10.41
N PRO A 246 6.73 -9.41 10.89
CA PRO A 246 8.05 -9.29 10.25
C PRO A 246 8.06 -9.95 8.86
N GLY A 247 8.77 -9.33 7.92
CA GLY A 247 8.83 -9.78 6.54
C GLY A 247 7.82 -9.09 5.64
N THR A 248 7.03 -8.12 6.19
CA THR A 248 6.02 -7.33 5.46
C THR A 248 6.67 -6.61 4.28
N LYS A 249 7.71 -5.78 4.54
CA LYS A 249 8.46 -5.01 3.54
C LYS A 249 9.02 -5.91 2.46
N PHE A 250 9.63 -7.04 2.87
CA PHE A 250 10.22 -8.02 1.96
C PHE A 250 9.21 -8.63 1.01
N ASN A 251 8.14 -9.23 1.56
CA ASN A 251 7.08 -9.87 0.78
C ASN A 251 6.29 -8.90 -0.08
N PHE A 252 6.16 -7.64 0.34
CA PHE A 252 5.49 -6.58 -0.40
C PHE A 252 6.31 -6.26 -1.66
N VAL A 253 7.63 -6.12 -1.50
CA VAL A 253 8.54 -5.79 -2.59
C VAL A 253 8.73 -6.99 -3.54
N ARG A 254 8.95 -8.20 -2.99
CA ARG A 254 9.12 -9.45 -3.75
C ARG A 254 7.85 -9.84 -4.49
N GLY A 255 6.70 -9.60 -3.85
CA GLY A 255 5.39 -9.87 -4.42
C GLY A 255 5.13 -8.94 -5.59
N TYR A 256 5.57 -7.68 -5.46
CA TYR A 256 5.46 -6.65 -6.48
C TYR A 256 6.25 -7.02 -7.74
N LEU A 257 7.44 -7.64 -7.57
CA LEU A 257 8.28 -8.04 -8.71
C LEU A 257 7.62 -9.15 -9.53
N LYS A 258 6.85 -10.02 -8.86
CA LYS A 258 6.08 -11.11 -9.48
C LYS A 258 4.89 -10.57 -10.27
N LYS A 259 4.32 -9.44 -9.82
CA LYS A 259 3.13 -8.84 -10.45
C LYS A 259 3.36 -7.48 -11.14
N LYS A 260 4.64 -7.07 -11.30
CA LYS A 260 5.04 -5.81 -11.95
C LYS A 260 4.50 -5.77 -13.39
N LYS A 261 4.52 -6.94 -14.07
CA LYS A 261 4.04 -7.21 -15.43
C LYS A 261 2.65 -6.64 -15.71
N LEU A 262 1.79 -6.55 -14.68
CA LEU A 262 0.43 -6.02 -14.75
C LEU A 262 0.40 -4.50 -14.99
N PHE A 263 1.45 -3.78 -14.55
CA PHE A 263 1.57 -2.33 -14.69
C PHE A 263 2.27 -1.95 -15.98
N GLU A 264 2.97 -2.91 -16.61
CA GLU A 264 3.71 -2.74 -17.86
C GLU A 264 2.83 -2.22 -19.02
N PRO A 265 1.54 -2.64 -19.23
CA PRO A 265 0.74 -2.05 -20.32
C PRO A 265 0.39 -0.56 -20.14
N GLU A 266 0.92 0.09 -19.08
CA GLU A 266 0.65 1.49 -18.74
C GLU A 266 1.64 2.51 -19.31
N ILE A 267 2.86 2.07 -19.68
CA ILE A 267 3.92 2.93 -20.22
C ILE A 267 3.48 3.57 -21.56
N LYS A 268 3.25 2.71 -22.58
CA LYS A 268 2.78 3.03 -23.95
C LYS A 268 3.59 4.14 -24.67
N GLU A 269 4.72 4.56 -24.07
CA GLU A 269 5.64 5.60 -24.55
C GLU A 269 6.57 5.00 -25.61
N LYS A 270 6.64 5.64 -26.81
CA LYS A 270 7.51 5.16 -27.89
C LYS A 270 8.25 6.31 -28.65
N GLU A 271 8.16 7.57 -28.11
CA GLU A 271 8.82 8.74 -28.70
C GLU A 271 10.22 8.97 -28.11
N ILE A 272 11.27 8.66 -28.89
CA ILE A 272 12.67 8.78 -28.48
C ILE A 272 13.46 9.76 -29.36
N LYS A 273 14.15 10.71 -28.72
CA LYS A 273 14.94 11.75 -29.38
C LYS A 273 16.30 11.98 -28.68
N GLU A 274 17.26 12.59 -29.39
CA GLU A 274 18.59 12.93 -28.89
C GLU A 274 18.67 14.46 -28.76
N CYS A 275 19.17 14.94 -27.60
CA CYS A 275 19.28 16.38 -27.31
C CYS A 275 20.22 17.12 -28.28
N LYS A 276 19.71 18.22 -28.86
CA LYS A 276 20.40 19.10 -29.83
C LYS A 276 21.70 19.71 -29.26
N ILE A 277 21.82 19.76 -27.91
CA ILE A 277 22.94 20.36 -27.19
C ILE A 277 23.98 19.33 -26.69
N CYS A 278 23.52 18.28 -25.99
CA CYS A 278 24.40 17.27 -25.36
C CYS A 278 24.28 15.84 -25.91
N ARG A 279 23.37 15.61 -26.90
CA ARG A 279 23.11 14.30 -27.52
C ARG A 279 22.57 13.22 -26.54
N MET A 280 22.32 13.58 -25.28
CA MET A 280 21.80 12.62 -24.28
C MET A 280 20.30 12.38 -24.52
N PRO A 281 19.70 11.22 -24.08
CA PRO A 281 18.27 10.99 -24.32
C PRO A 281 17.37 12.17 -23.93
N SER A 282 16.52 12.58 -24.87
CA SER A 282 15.64 13.74 -24.77
C SER A 282 14.22 13.49 -25.29
N SER A 283 13.28 14.33 -24.84
CA SER A 283 11.90 14.38 -25.29
C SER A 283 11.77 15.78 -25.90
N GLY A 284 11.89 15.83 -27.23
CA GLY A 284 11.90 17.08 -27.98
C GLY A 284 13.30 17.44 -28.45
N ASP A 285 13.47 18.68 -28.99
CA ASP A 285 14.76 19.20 -29.51
C ASP A 285 15.86 19.23 -28.45
N ILE A 286 15.56 19.85 -27.29
CA ILE A 286 16.48 20.01 -26.16
C ILE A 286 15.92 19.22 -24.96
N CYS A 287 16.79 18.55 -24.20
CA CYS A 287 16.39 17.80 -23.00
C CYS A 287 16.06 18.74 -21.84
N ALA A 288 15.33 18.23 -20.84
CA ALA A 288 14.93 18.97 -19.64
C ALA A 288 16.10 19.65 -18.91
N PHE A 289 17.29 18.97 -18.89
CA PHE A 289 18.50 19.46 -18.25
C PHE A 289 19.04 20.74 -18.91
N CYS A 290 19.28 20.70 -20.24
CA CYS A 290 19.82 21.84 -20.98
C CYS A 290 18.84 23.00 -21.06
N LYS A 291 17.53 22.71 -21.06
CA LYS A 291 16.46 23.71 -21.08
C LYS A 291 16.45 24.48 -19.75
N PHE A 292 16.42 23.74 -18.60
CA PHE A 292 16.41 24.31 -17.26
C PHE A 292 17.66 25.14 -16.93
N TRP A 293 18.85 24.59 -17.23
CA TRP A 293 20.12 25.26 -16.91
C TRP A 293 20.53 26.30 -17.97
N GLY A 294 19.74 26.41 -19.04
CA GLY A 294 19.96 27.35 -20.15
C GLY A 294 21.30 27.16 -20.83
N LEU A 295 21.66 25.89 -21.08
CA LEU A 295 22.94 25.49 -21.68
C LEU A 295 22.91 25.49 -23.20
N LYS A 296 23.92 26.12 -23.81
CA LYS A 296 24.08 26.21 -25.27
C LYS A 296 25.07 25.17 -25.77
N LYS A 297 26.02 24.77 -24.91
CA LYS A 297 27.07 23.79 -25.21
C LYS A 297 26.97 22.54 -24.32
N GLU A 298 27.62 21.44 -24.76
CA GLU A 298 27.65 20.16 -24.04
C GLU A 298 28.69 20.19 -22.92
N ILE A 299 28.38 19.52 -21.81
CA ILE A 299 29.29 19.37 -20.67
C ILE A 299 29.95 18.01 -20.84
N ASN A 300 31.28 18.01 -20.87
CA ASN A 300 32.03 16.77 -20.97
C ASN A 300 32.56 16.41 -19.60
N PHE A 301 32.14 15.25 -19.10
CA PHE A 301 32.51 14.74 -17.77
C PHE A 301 33.69 13.79 -17.83
N LYS A 302 34.22 13.51 -19.05
CA LYS A 302 35.37 12.64 -19.29
C LYS A 302 36.58 13.15 -18.51
N VAL A 303 37.13 12.26 -17.66
CA VAL A 303 38.29 12.57 -16.81
C VAL A 303 39.46 11.63 -17.06
N SER A 304 40.66 12.16 -16.86
CA SER A 304 41.95 11.47 -16.95
C SER A 304 42.54 11.65 -15.55
N SER A 305 42.84 12.90 -15.16
CA SER A 305 43.39 13.26 -13.86
C SER A 305 42.29 13.38 -12.79
N THR A 306 42.06 12.28 -12.05
CA THR A 306 41.09 12.22 -10.95
C THR A 306 41.69 12.80 -9.65
N ASP A 307 40.87 13.00 -8.60
CA ASP A 307 41.30 13.54 -7.30
C ASP A 307 42.56 12.80 -6.78
N GLU A 308 43.66 13.55 -6.59
CA GLU A 308 44.98 13.08 -6.12
C GLU A 308 45.66 12.07 -7.11
N GLU A 309 45.57 12.31 -8.44
CA GLU A 309 46.15 11.45 -9.49
C GLU A 309 46.74 12.26 -10.67
N PRO A 310 47.70 11.71 -11.48
CA PRO A 310 48.23 12.50 -12.60
C PRO A 310 47.39 12.37 -13.86
N SER B 3 -14.74 26.09 20.48
CA SER B 3 -15.44 25.22 19.54
C SER B 3 -16.11 26.02 18.43
N MET B 4 -15.92 25.55 17.19
CA MET B 4 -16.50 26.15 15.99
C MET B 4 -18.01 25.90 15.94
N LYS B 5 -18.71 26.65 15.10
CA LYS B 5 -20.15 26.50 14.91
C LYS B 5 -20.42 25.84 13.56
N CYS B 6 -21.69 25.44 13.31
CA CYS B 6 -22.09 24.80 12.05
C CYS B 6 -21.94 25.76 10.86
N LYS B 7 -21.44 25.22 9.73
CA LYS B 7 -21.24 25.95 8.47
C LYS B 7 -22.57 26.36 7.80
N PHE B 8 -23.69 25.77 8.27
CA PHE B 8 -25.03 25.99 7.74
C PHE B 8 -26.00 26.61 8.72
N CYS B 9 -25.81 26.42 10.05
CA CYS B 9 -26.71 27.02 11.02
C CYS B 9 -26.01 27.57 12.29
N SER B 10 -26.80 28.20 13.19
CA SER B 10 -26.38 28.81 14.46
C SER B 10 -26.40 27.80 15.63
N ARG B 11 -25.83 26.62 15.40
CA ARG B 11 -25.74 25.54 16.39
C ARG B 11 -24.29 25.11 16.54
N GLU B 12 -23.94 24.61 17.74
CA GLU B 12 -22.60 24.13 18.06
C GLU B 12 -22.29 22.91 17.18
N ALA B 13 -21.09 22.90 16.57
CA ALA B 13 -20.65 21.83 15.68
C ALA B 13 -20.52 20.50 16.43
N TYR B 14 -21.15 19.46 15.87
CA TYR B 14 -21.17 18.10 16.41
C TYR B 14 -19.92 17.36 15.97
N ILE B 15 -19.52 17.55 14.70
CA ILE B 15 -18.36 16.89 14.08
C ILE B 15 -17.60 17.83 13.09
N LYS B 16 -16.31 17.52 12.84
CA LYS B 16 -15.51 18.25 11.86
C LYS B 16 -15.15 17.27 10.76
N ILE B 17 -15.74 17.45 9.57
CA ILE B 17 -15.43 16.60 8.43
C ILE B 17 -14.14 17.13 7.83
N HIS B 18 -13.19 16.23 7.60
CA HIS B 18 -11.86 16.54 7.11
C HIS B 18 -11.78 16.44 5.58
N TYR B 19 -12.60 15.55 4.98
CA TYR B 19 -12.69 15.40 3.53
C TYR B 19 -14.16 15.42 3.04
N PRO B 20 -14.69 16.60 2.63
CA PRO B 20 -14.05 17.92 2.56
C PRO B 20 -14.12 18.71 3.89
N LYS B 21 -13.05 19.45 4.24
CA LYS B 21 -12.93 20.22 5.50
C LYS B 21 -14.10 21.20 5.76
N MET B 22 -14.90 20.91 6.83
CA MET B 22 -16.07 21.70 7.29
C MET B 22 -16.59 21.23 8.67
N TYR B 23 -17.18 22.17 9.45
CA TYR B 23 -17.78 21.87 10.76
C TYR B 23 -19.31 21.84 10.59
N LEU B 24 -19.97 20.76 11.07
CA LEU B 24 -21.42 20.58 10.98
C LEU B 24 -22.06 20.20 12.30
N CYS B 25 -23.33 20.60 12.50
CA CYS B 25 -24.09 20.26 13.70
C CYS B 25 -24.74 18.87 13.56
N GLU B 26 -25.40 18.40 14.64
CA GLU B 26 -26.07 17.10 14.71
C GLU B 26 -27.05 16.86 13.55
N GLU B 27 -27.73 17.92 13.08
CA GLU B 27 -28.73 17.88 12.01
C GLU B 27 -28.14 18.00 10.62
N HIS B 28 -27.18 18.92 10.41
CA HIS B 28 -26.56 19.10 9.09
C HIS B 28 -25.60 17.98 8.74
N PHE B 29 -25.12 17.22 9.76
CA PHE B 29 -24.26 16.06 9.55
C PHE B 29 -25.12 14.90 9.06
N LYS B 30 -26.29 14.66 9.71
CA LYS B 30 -27.28 13.63 9.35
C LYS B 30 -27.64 13.78 7.88
N GLU B 31 -28.02 15.01 7.47
CA GLU B 31 -28.36 15.41 6.10
C GLU B 31 -27.18 15.15 5.15
N TYR B 32 -25.95 15.58 5.53
CA TYR B 32 -24.73 15.38 4.74
C TYR B 32 -24.43 13.89 4.52
N PHE B 33 -24.50 13.09 5.60
CA PHE B 33 -24.26 11.65 5.58
C PHE B 33 -25.21 10.96 4.62
N GLU B 34 -26.53 11.23 4.80
CA GLU B 34 -27.63 10.70 4.00
C GLU B 34 -27.45 11.05 2.50
N ARG B 35 -27.05 12.30 2.21
CA ARG B 35 -26.82 12.82 0.87
C ARG B 35 -25.59 12.16 0.24
N LYS B 36 -24.55 11.92 1.06
CA LYS B 36 -23.29 11.29 0.62
C LYS B 36 -23.54 9.83 0.24
N VAL B 37 -24.46 9.15 0.95
CA VAL B 37 -24.84 7.75 0.71
C VAL B 37 -25.69 7.70 -0.57
N SER B 38 -26.62 8.67 -0.71
CA SER B 38 -27.50 8.85 -1.87
C SER B 38 -26.66 9.03 -3.14
N ARG B 39 -25.57 9.81 -3.02
CA ARG B 39 -24.63 10.09 -4.09
C ARG B 39 -23.90 8.80 -4.51
N THR B 40 -23.47 7.95 -3.53
CA THR B 40 -22.80 6.65 -3.77
C THR B 40 -23.71 5.72 -4.57
N ILE B 41 -25.00 5.65 -4.19
CA ILE B 41 -26.01 4.82 -4.86
C ILE B 41 -26.22 5.32 -6.31
N GLU B 42 -26.16 6.64 -6.55
CA GLU B 42 -26.29 7.26 -7.88
C GLU B 42 -25.03 7.03 -8.74
N ARG B 43 -23.84 7.26 -8.15
CA ARG B 43 -22.53 7.15 -8.78
C ARG B 43 -22.29 5.82 -9.48
N TYR B 44 -22.39 4.71 -8.73
CA TYR B 44 -22.14 3.36 -9.26
C TYR B 44 -23.41 2.61 -9.64
N LYS B 45 -24.58 3.32 -9.68
CA LYS B 45 -25.90 2.79 -10.03
C LYS B 45 -26.20 1.51 -9.22
N LEU B 46 -26.03 1.64 -7.88
CA LEU B 46 -26.17 0.59 -6.89
C LEU B 46 -27.57 0.04 -6.84
N LEU B 47 -28.56 0.90 -6.52
CA LEU B 47 -29.96 0.50 -6.35
C LEU B 47 -30.95 1.45 -7.02
N THR B 48 -32.19 0.96 -7.20
CA THR B 48 -33.36 1.69 -7.70
C THR B 48 -34.38 1.63 -6.55
N LYS B 49 -35.36 2.55 -6.52
CA LYS B 49 -36.34 2.55 -5.43
C LYS B 49 -37.42 1.48 -5.57
N ASP B 50 -37.53 0.82 -6.74
CA ASP B 50 -38.50 -0.25 -7.01
C ASP B 50 -38.06 -1.62 -6.46
N GLU B 51 -36.73 -1.85 -6.37
CA GLU B 51 -36.10 -3.10 -5.90
C GLU B 51 -36.43 -3.45 -4.45
N ARG B 52 -36.51 -4.76 -4.16
CA ARG B 52 -36.68 -5.30 -2.81
C ARG B 52 -35.26 -5.58 -2.29
N ILE B 53 -34.80 -4.75 -1.35
CA ILE B 53 -33.45 -4.81 -0.77
C ILE B 53 -33.40 -5.60 0.54
N LEU B 54 -32.41 -6.50 0.66
CA LEU B 54 -32.19 -7.28 1.88
C LEU B 54 -30.93 -6.76 2.57
N VAL B 55 -31.10 -6.16 3.75
CA VAL B 55 -29.96 -5.66 4.52
C VAL B 55 -29.51 -6.74 5.52
N ALA B 56 -28.27 -7.22 5.34
CA ALA B 56 -27.67 -8.22 6.21
C ALA B 56 -27.20 -7.47 7.46
N VAL B 57 -27.96 -7.62 8.56
CA VAL B 57 -27.69 -6.91 9.82
C VAL B 57 -26.98 -7.81 10.83
N SER B 58 -25.79 -7.41 11.24
CA SER B 58 -24.92 -8.16 12.15
C SER B 58 -25.16 -7.89 13.64
N GLY B 59 -25.68 -6.71 13.95
CA GLY B 59 -25.85 -6.21 15.30
C GLY B 59 -24.88 -5.07 15.55
N GLY B 60 -23.93 -4.91 14.63
CA GLY B 60 -22.93 -3.83 14.64
C GLY B 60 -23.45 -2.56 13.98
N LYS B 61 -22.73 -1.44 14.17
CA LYS B 61 -23.05 -0.09 13.68
C LYS B 61 -23.28 0.03 12.19
N ASP B 62 -22.38 -0.54 11.38
CA ASP B 62 -22.33 -0.46 9.93
C ASP B 62 -23.60 -0.92 9.24
N SER B 63 -24.03 -2.17 9.46
CA SER B 63 -25.26 -2.71 8.87
C SER B 63 -26.53 -2.04 9.42
N ALA B 64 -26.48 -1.57 10.68
CA ALA B 64 -27.58 -0.85 11.35
C ALA B 64 -27.80 0.50 10.67
N VAL B 65 -26.71 1.23 10.37
CA VAL B 65 -26.73 2.52 9.70
C VAL B 65 -27.10 2.34 8.22
N THR B 66 -26.66 1.23 7.59
CA THR B 66 -26.99 0.92 6.19
C THR B 66 -28.52 0.83 6.07
N ALA B 67 -29.14 -0.01 6.92
CA ALA B 67 -30.59 -0.21 6.95
C ALA B 67 -31.30 1.10 7.25
N TYR B 68 -30.87 1.85 8.28
CA TYR B 68 -31.45 3.13 8.70
C TYR B 68 -31.48 4.14 7.56
N VAL B 69 -30.32 4.42 6.93
CA VAL B 69 -30.20 5.41 5.84
C VAL B 69 -31.06 5.00 4.62
N LEU B 70 -31.00 3.71 4.19
CA LEU B 70 -31.81 3.21 3.07
C LEU B 70 -33.32 3.38 3.35
N LYS B 71 -33.75 3.13 4.59
CA LYS B 71 -35.15 3.28 5.01
C LYS B 71 -35.58 4.76 4.95
N LYS B 72 -34.72 5.68 5.47
CA LYS B 72 -34.91 7.13 5.49
C LYS B 72 -34.92 7.71 4.07
N LEU B 73 -34.06 7.18 3.18
CA LEU B 73 -33.98 7.60 1.77
C LEU B 73 -35.19 7.12 0.94
N GLY B 74 -36.04 6.31 1.55
CA GLY B 74 -37.24 5.77 0.93
C GLY B 74 -37.02 4.58 0.04
N TYR B 75 -36.34 3.55 0.58
CA TYR B 75 -36.10 2.30 -0.14
C TYR B 75 -36.97 1.17 0.46
N ASN B 76 -37.22 0.13 -0.37
CA ASN B 76 -38.00 -1.05 0.02
C ASN B 76 -37.05 -2.07 0.65
N ILE B 77 -36.86 -1.97 1.98
CA ILE B 77 -35.91 -2.84 2.68
C ILE B 77 -36.56 -3.80 3.67
N GLU B 78 -35.85 -4.91 3.87
CA GLU B 78 -36.12 -5.99 4.83
C GLU B 78 -34.75 -6.40 5.35
N CYS B 79 -34.67 -6.92 6.57
CA CYS B 79 -33.39 -7.23 7.18
C CYS B 79 -33.21 -8.68 7.57
N LEU B 80 -31.97 -9.16 7.47
CA LEU B 80 -31.61 -10.52 7.86
C LEU B 80 -30.51 -10.53 8.91
N HIS B 81 -30.73 -11.23 10.01
CA HIS B 81 -29.73 -11.43 11.03
C HIS B 81 -29.44 -12.91 11.12
N ILE B 82 -28.15 -13.28 11.05
CA ILE B 82 -27.74 -14.67 11.16
C ILE B 82 -27.08 -14.89 12.52
N ASN B 83 -27.71 -15.72 13.36
CA ASN B 83 -27.22 -16.07 14.69
C ASN B 83 -26.30 -17.27 14.50
N LEU B 84 -24.99 -17.06 14.68
CA LEU B 84 -23.97 -18.10 14.50
C LEU B 84 -23.82 -19.06 15.72
N GLY B 85 -24.79 -19.02 16.63
CA GLY B 85 -24.84 -19.89 17.80
C GLY B 85 -23.68 -19.86 18.77
N ILE B 86 -22.85 -18.80 18.74
CA ILE B 86 -21.72 -18.64 19.66
C ILE B 86 -22.33 -18.24 21.01
N SER B 87 -22.32 -19.16 22.00
CA SER B 87 -22.88 -18.93 23.33
C SER B 87 -22.12 -17.79 24.04
N GLY B 88 -22.85 -16.76 24.43
CA GLY B 88 -22.32 -15.57 25.09
C GLY B 88 -21.99 -14.43 24.14
N TYR B 89 -22.33 -14.58 22.85
CA TYR B 89 -22.07 -13.56 21.84
C TYR B 89 -23.29 -13.39 20.95
N SER B 90 -23.76 -14.50 20.36
CA SER B 90 -24.87 -14.54 19.44
C SER B 90 -26.20 -14.05 20.01
N GLU B 91 -26.43 -14.22 21.32
CA GLU B 91 -27.66 -13.78 22.00
C GLU B 91 -27.72 -12.25 22.09
N LYS B 92 -26.61 -11.60 22.48
CA LYS B 92 -26.51 -10.15 22.61
C LYS B 92 -26.63 -9.47 21.23
N SER B 93 -25.96 -10.05 20.21
CA SER B 93 -25.96 -9.59 18.82
C SER B 93 -27.34 -9.68 18.17
N GLU B 94 -28.11 -10.73 18.50
CA GLU B 94 -29.49 -10.93 18.02
C GLU B 94 -30.39 -9.88 18.64
N GLU B 95 -30.19 -9.61 19.95
CA GLU B 95 -30.96 -8.61 20.69
C GLU B 95 -30.67 -7.20 20.16
N TYR B 96 -29.40 -6.92 19.84
CA TYR B 96 -29.01 -5.63 19.27
C TYR B 96 -29.64 -5.37 17.91
N ALA B 97 -29.69 -6.42 17.04
CA ALA B 97 -30.29 -6.37 15.71
C ALA B 97 -31.79 -6.10 15.79
N LYS B 98 -32.48 -6.73 16.78
CA LYS B 98 -33.91 -6.57 17.06
C LYS B 98 -34.21 -5.10 17.40
N LYS B 99 -33.44 -4.54 18.36
CA LYS B 99 -33.53 -3.15 18.81
C LYS B 99 -33.37 -2.19 17.63
N GLN B 100 -32.34 -2.43 16.78
CA GLN B 100 -32.03 -1.61 15.60
C GLN B 100 -33.20 -1.59 14.63
N CYS B 101 -33.64 -2.77 14.16
CA CYS B 101 -34.73 -2.92 13.22
C CYS B 101 -36.06 -2.40 13.75
N LYS B 102 -36.22 -2.37 15.09
CA LYS B 102 -37.41 -1.83 15.74
C LYS B 102 -37.42 -0.30 15.55
N LEU B 103 -36.31 0.37 15.91
CA LEU B 103 -36.10 1.81 15.77
C LEU B 103 -36.18 2.26 14.30
N ILE B 104 -35.56 1.48 13.39
CA ILE B 104 -35.55 1.72 11.94
C ILE B 104 -36.97 1.58 11.39
N GLY B 105 -37.67 0.56 11.86
CA GLY B 105 -39.03 0.26 11.44
C GLY B 105 -39.03 -0.60 10.20
N ALA B 106 -38.10 -1.57 10.14
CA ALA B 106 -37.95 -2.47 9.01
C ALA B 106 -38.15 -3.93 9.45
N PRO B 107 -38.78 -4.77 8.59
CA PRO B 107 -38.99 -6.18 8.97
C PRO B 107 -37.66 -6.92 9.18
N LEU B 108 -37.56 -7.70 10.26
CA LEU B 108 -36.35 -8.45 10.56
C LEU B 108 -36.60 -9.94 10.55
N HIS B 109 -35.77 -10.67 9.80
CA HIS B 109 -35.77 -12.12 9.66
C HIS B 109 -34.53 -12.65 10.35
N ILE B 110 -34.69 -13.67 11.19
CA ILE B 110 -33.60 -14.26 11.96
C ILE B 110 -33.40 -15.71 11.57
N VAL B 111 -32.14 -16.09 11.27
CA VAL B 111 -31.72 -17.46 10.94
C VAL B 111 -30.70 -17.92 11.99
N ARG B 112 -31.05 -18.97 12.75
CA ARG B 112 -30.19 -19.53 13.79
C ARG B 112 -29.52 -20.80 13.26
N ILE B 113 -28.18 -20.73 13.01
CA ILE B 113 -27.41 -21.84 12.43
C ILE B 113 -27.39 -23.10 13.33
N LYS B 114 -27.54 -22.95 14.68
CA LYS B 114 -27.57 -24.10 15.60
C LYS B 114 -28.87 -24.88 15.44
N GLU B 115 -29.93 -24.21 14.96
CA GLU B 115 -31.22 -24.85 14.70
C GLU B 115 -31.22 -25.52 13.32
N ILE B 116 -30.68 -24.84 12.29
CA ILE B 116 -30.63 -25.33 10.92
C ILE B 116 -29.55 -26.42 10.72
N LEU B 117 -28.30 -26.11 11.06
CA LEU B 117 -27.14 -26.99 10.85
C LEU B 117 -26.81 -27.92 12.05
N GLY B 118 -27.53 -27.76 13.16
CA GLY B 118 -27.33 -28.57 14.36
C GLY B 118 -26.26 -28.05 15.29
N TYR B 119 -25.14 -27.55 14.72
CA TYR B 119 -23.99 -27.02 15.45
C TYR B 119 -23.88 -25.51 15.26
N GLY B 120 -23.33 -24.85 16.27
CA GLY B 120 -23.02 -23.43 16.22
C GLY B 120 -21.62 -23.29 15.63
N ILE B 121 -21.18 -22.05 15.36
CA ILE B 121 -19.84 -21.82 14.83
C ILE B 121 -18.84 -21.92 16.01
N GLY B 122 -18.05 -22.98 16.00
CA GLY B 122 -17.07 -23.28 17.04
C GLY B 122 -17.33 -24.58 17.77
N GLU B 123 -18.39 -25.31 17.37
CA GLU B 123 -18.79 -26.60 17.96
C GLU B 123 -18.30 -27.76 17.09
N VAL B 124 -18.20 -27.54 15.76
CA VAL B 124 -17.76 -28.54 14.78
C VAL B 124 -16.28 -28.92 14.99
N LYS B 125 -15.99 -30.24 14.94
CA LYS B 125 -14.65 -30.80 15.11
C LYS B 125 -13.75 -30.44 13.92
N THR B 126 -13.08 -29.28 13.99
CA THR B 126 -12.21 -28.78 12.91
C THR B 126 -10.92 -28.14 13.44
N ARG B 127 -9.81 -28.35 12.70
CA ARG B 127 -8.48 -27.79 13.02
C ARG B 127 -8.44 -26.27 12.73
N ARG B 128 -9.11 -25.85 11.64
CA ARG B 128 -9.22 -24.48 11.12
C ARG B 128 -10.00 -23.57 12.07
N PRO B 129 -9.60 -22.27 12.22
CA PRO B 129 -10.35 -21.36 13.11
C PRO B 129 -11.79 -21.10 12.63
N PRO B 130 -12.73 -20.76 13.55
CA PRO B 130 -14.13 -20.53 13.14
C PRO B 130 -14.34 -19.34 12.23
N CYS B 131 -13.57 -18.26 12.42
CA CYS B 131 -13.62 -17.00 11.65
C CYS B 131 -13.34 -17.18 10.16
N SER B 132 -12.78 -18.34 9.76
CA SER B 132 -12.53 -18.71 8.36
C SER B 132 -13.82 -19.26 7.72
N TYR B 133 -14.48 -20.26 8.38
CA TYR B 133 -15.74 -20.82 7.89
C TYR B 133 -16.95 -20.02 8.37
N CYS B 134 -16.71 -18.83 8.95
CA CYS B 134 -17.73 -17.91 9.44
C CYS B 134 -18.24 -17.07 8.28
N GLY B 135 -17.32 -16.47 7.53
CA GLY B 135 -17.63 -15.66 6.36
C GLY B 135 -18.22 -16.50 5.25
N LEU B 136 -17.89 -17.80 5.21
CA LEU B 136 -18.41 -18.77 4.25
C LEU B 136 -19.90 -19.04 4.56
N THR B 137 -20.21 -19.32 5.85
CA THR B 137 -21.54 -19.59 6.38
C THR B 137 -22.45 -18.36 6.21
N LYS B 138 -21.96 -17.16 6.55
CA LYS B 138 -22.72 -15.91 6.45
C LYS B 138 -23.07 -15.58 5.00
N ARG B 139 -22.06 -15.50 4.11
CA ARG B 139 -22.20 -15.21 2.67
C ARG B 139 -23.18 -16.14 1.95
N TYR B 140 -23.17 -17.45 2.29
CA TYR B 140 -24.04 -18.46 1.69
C TYR B 140 -25.47 -18.27 2.15
N ILE B 141 -25.70 -18.21 3.48
CA ILE B 141 -27.00 -18.02 4.10
C ILE B 141 -27.65 -16.73 3.64
N MET B 142 -26.90 -15.61 3.59
CA MET B 142 -27.48 -14.34 3.13
C MET B 142 -27.78 -14.37 1.62
N ASN B 143 -27.02 -15.16 0.83
CA ASN B 143 -27.30 -15.28 -0.60
C ASN B 143 -28.53 -16.17 -0.84
N LYS B 144 -28.55 -17.39 -0.25
CA LYS B 144 -29.67 -18.30 -0.41
C LYS B 144 -30.97 -17.74 0.18
N PHE B 145 -30.89 -16.98 1.30
CA PHE B 145 -32.07 -16.34 1.88
C PHE B 145 -32.68 -15.36 0.90
N ALA B 146 -31.84 -14.48 0.32
CA ALA B 146 -32.23 -13.47 -0.67
C ALA B 146 -32.83 -14.11 -1.91
N TYR B 147 -32.21 -15.20 -2.40
CA TYR B 147 -32.65 -15.94 -3.57
C TYR B 147 -33.97 -16.67 -3.33
N ASP B 148 -34.07 -17.40 -2.19
CA ASP B 148 -35.26 -18.16 -1.81
C ASP B 148 -36.48 -17.28 -1.56
N ASN B 149 -36.27 -15.99 -1.25
CA ASN B 149 -37.32 -15.02 -0.95
C ASN B 149 -37.51 -13.94 -2.03
N GLY B 150 -36.88 -14.12 -3.20
CA GLY B 150 -36.98 -13.24 -4.35
C GLY B 150 -36.56 -11.79 -4.15
N PHE B 151 -35.49 -11.56 -3.37
CA PHE B 151 -34.94 -10.23 -3.14
C PHE B 151 -34.07 -9.83 -4.32
N ASP B 152 -34.19 -8.57 -4.75
CA ASP B 152 -33.47 -8.03 -5.89
C ASP B 152 -32.01 -7.70 -5.62
N ALA B 153 -31.67 -7.36 -4.36
CA ALA B 153 -30.33 -6.99 -3.96
C ALA B 153 -30.05 -7.24 -2.47
N ILE B 154 -28.76 -7.43 -2.12
CA ILE B 154 -28.27 -7.59 -0.75
C ILE B 154 -27.39 -6.37 -0.49
N ALA B 155 -27.59 -5.71 0.64
CA ALA B 155 -26.78 -4.56 1.03
C ALA B 155 -26.05 -4.88 2.33
N THR B 156 -24.74 -4.66 2.35
CA THR B 156 -23.90 -4.88 3.53
C THR B 156 -23.42 -3.54 4.09
N GLY B 157 -22.86 -3.58 5.31
CA GLY B 157 -22.40 -2.41 6.04
C GLY B 157 -21.00 -1.91 5.75
N HIS B 158 -20.28 -2.50 4.78
CA HIS B 158 -18.90 -2.12 4.43
C HIS B 158 -18.72 -0.63 4.14
N ASN B 159 -17.91 0.05 4.96
CA ASN B 159 -17.61 1.47 4.85
C ASN B 159 -16.28 1.70 4.09
N LEU B 160 -15.88 2.99 3.92
CA LEU B 160 -14.66 3.38 3.22
C LEU B 160 -13.40 2.76 3.85
N ASP B 161 -13.33 2.75 5.20
CA ASP B 161 -12.25 2.18 5.98
C ASP B 161 -12.09 0.68 5.72
N ASP B 162 -13.21 -0.05 5.60
CA ASP B 162 -13.23 -1.49 5.30
C ASP B 162 -12.63 -1.77 3.94
N GLU B 163 -12.96 -0.94 2.94
CA GLU B 163 -12.46 -1.07 1.58
C GLU B 163 -10.98 -0.70 1.49
N ALA B 164 -10.60 0.45 2.10
CA ALA B 164 -9.22 0.95 2.14
C ALA B 164 -8.30 -0.11 2.76
N SER B 165 -8.67 -0.68 3.93
CA SER B 165 -7.92 -1.73 4.64
C SER B 165 -7.84 -3.05 3.87
N PHE B 166 -8.91 -3.42 3.15
CA PHE B 166 -8.94 -4.64 2.33
C PHE B 166 -7.96 -4.48 1.17
N LEU B 167 -7.95 -3.28 0.53
CA LEU B 167 -7.04 -2.96 -0.58
C LEU B 167 -5.61 -3.00 -0.09
N LEU B 168 -5.31 -2.27 1.01
CA LEU B 168 -3.98 -2.23 1.62
C LEU B 168 -3.48 -3.62 1.98
N ASN B 169 -4.33 -4.45 2.59
CA ASN B 169 -3.91 -5.79 2.97
C ASN B 169 -3.61 -6.69 1.77
N ASN B 170 -4.41 -6.60 0.70
CA ASN B 170 -4.21 -7.42 -0.48
C ASN B 170 -3.14 -6.88 -1.40
N ILE B 171 -2.81 -5.59 -1.27
CA ILE B 171 -1.73 -4.98 -2.04
C ILE B 171 -0.42 -5.45 -1.43
N LEU B 172 -0.34 -5.46 -0.09
CA LEU B 172 0.82 -5.92 0.68
C LEU B 172 1.13 -7.40 0.44
N HIS B 173 0.08 -8.23 0.27
CA HIS B 173 0.19 -9.67 0.00
C HIS B 173 0.15 -9.99 -1.48
N TRP B 174 -0.13 -8.98 -2.33
CA TRP B 174 -0.24 -9.10 -3.79
C TRP B 174 -1.23 -10.21 -4.19
N ASN B 175 -2.44 -10.15 -3.58
CA ASN B 175 -3.60 -11.02 -3.80
C ASN B 175 -4.38 -10.36 -4.91
N THR B 176 -3.85 -10.51 -6.15
CA THR B 176 -4.37 -9.92 -7.38
C THR B 176 -5.74 -10.46 -7.80
N GLU B 177 -6.12 -11.65 -7.31
CA GLU B 177 -7.43 -12.24 -7.58
C GLU B 177 -8.50 -11.53 -6.73
N TYR B 178 -8.17 -11.21 -5.46
CA TYR B 178 -9.06 -10.49 -4.56
C TYR B 178 -9.16 -9.02 -4.98
N LEU B 179 -8.09 -8.48 -5.57
CA LEU B 179 -8.01 -7.10 -6.05
C LEU B 179 -8.83 -6.87 -7.31
N ALA B 180 -9.15 -7.94 -8.05
CA ALA B 180 -9.96 -7.84 -9.24
C ALA B 180 -11.46 -7.89 -8.88
N LYS B 181 -11.80 -8.52 -7.74
CA LYS B 181 -13.18 -8.74 -7.27
C LYS B 181 -13.71 -7.71 -6.25
N GLY B 182 -13.01 -6.60 -6.05
CA GLY B 182 -13.42 -5.53 -5.14
C GLY B 182 -14.39 -4.53 -5.76
N GLY B 183 -14.65 -3.44 -5.03
CA GLY B 183 -15.55 -2.39 -5.47
C GLY B 183 -16.89 -2.34 -4.74
N PRO B 184 -17.82 -1.43 -5.14
CA PRO B 184 -19.10 -1.33 -4.41
C PRO B 184 -20.22 -2.26 -4.87
N ILE B 185 -20.07 -2.89 -6.07
CA ILE B 185 -21.06 -3.79 -6.68
C ILE B 185 -20.48 -5.14 -7.04
N LEU B 186 -21.20 -6.21 -6.68
CA LEU B 186 -20.94 -7.58 -7.05
C LEU B 186 -22.20 -7.87 -7.87
N PRO B 187 -22.18 -7.59 -9.20
CA PRO B 187 -23.42 -7.77 -10.00
C PRO B 187 -23.91 -9.22 -10.03
N GLN B 188 -25.23 -9.37 -10.09
CA GLN B 188 -25.95 -10.65 -10.09
C GLN B 188 -25.47 -11.59 -11.20
N GLN B 189 -24.96 -12.77 -10.81
CA GLN B 189 -24.48 -13.82 -11.71
C GLN B 189 -25.14 -15.13 -11.33
N GLY B 190 -26.23 -15.46 -12.03
CA GLY B 190 -27.00 -16.66 -11.80
C GLY B 190 -27.75 -16.61 -10.48
N LYS B 191 -27.59 -17.65 -9.65
CA LYS B 191 -28.23 -17.75 -8.33
C LYS B 191 -27.53 -16.88 -7.27
N PHE B 192 -26.49 -16.11 -7.67
CA PHE B 192 -25.78 -15.16 -6.83
C PHE B 192 -26.48 -13.82 -6.98
N ILE B 193 -27.21 -13.39 -5.93
CA ILE B 193 -27.93 -12.12 -5.88
C ILE B 193 -26.91 -10.95 -5.88
N LYS B 194 -27.32 -9.81 -6.46
CA LYS B 194 -26.52 -8.59 -6.52
C LYS B 194 -26.21 -8.11 -5.09
N LYS B 195 -24.91 -7.93 -4.78
CA LYS B 195 -24.45 -7.43 -3.48
C LYS B 195 -23.98 -5.99 -3.68
N VAL B 196 -24.39 -5.08 -2.80
CA VAL B 196 -24.02 -3.66 -2.90
C VAL B 196 -23.51 -3.11 -1.56
N LYS B 197 -22.70 -2.04 -1.64
CA LYS B 197 -22.11 -1.36 -0.48
C LYS B 197 -22.52 0.13 -0.44
N PRO B 198 -23.70 0.48 0.12
CA PRO B 198 -24.12 1.90 0.13
C PRO B 198 -23.22 2.84 0.94
N LEU B 199 -22.48 2.30 1.93
CA LEU B 199 -21.56 3.08 2.78
C LEU B 199 -20.11 3.13 2.25
N TYR B 200 -19.91 2.76 0.98
CA TYR B 200 -18.63 2.70 0.28
C TYR B 200 -17.74 3.95 0.40
N GLU B 201 -18.34 5.15 0.43
CA GLU B 201 -17.59 6.40 0.47
C GLU B 201 -17.67 7.15 1.83
N VAL B 202 -18.27 6.51 2.86
CA VAL B 202 -18.35 7.12 4.19
C VAL B 202 -17.35 6.44 5.12
N THR B 203 -16.69 7.23 5.99
CA THR B 203 -15.69 6.73 6.94
C THR B 203 -16.37 6.11 8.15
N GLU B 204 -15.65 5.18 8.84
CA GLU B 204 -16.10 4.51 10.07
C GLU B 204 -16.42 5.56 11.14
N ARG B 205 -15.62 6.65 11.20
CA ARG B 205 -15.76 7.80 12.10
C ARG B 205 -17.11 8.49 11.87
N GLU B 206 -17.51 8.63 10.59
CA GLU B 206 -18.79 9.24 10.19
C GLU B 206 -19.95 8.29 10.54
N VAL B 207 -19.72 6.96 10.41
CA VAL B 207 -20.70 5.92 10.73
C VAL B 207 -20.98 5.93 12.24
N VAL B 208 -19.92 6.03 13.08
CA VAL B 208 -20.03 6.09 14.54
C VAL B 208 -20.83 7.34 14.97
N ALA B 209 -20.51 8.51 14.37
CA ALA B 209 -21.20 9.79 14.64
C ALA B 209 -22.66 9.76 14.20
N TYR B 210 -22.97 9.07 13.09
CA TYR B 210 -24.35 8.98 12.60
C TYR B 210 -25.20 8.10 13.50
N ALA B 211 -24.68 6.90 13.88
CA ALA B 211 -25.32 5.94 14.77
C ALA B 211 -25.64 6.56 16.13
N LEU B 212 -24.70 7.36 16.70
CA LEU B 212 -24.88 8.07 17.98
C LEU B 212 -25.98 9.14 17.87
N ALA B 213 -26.00 9.91 16.76
CA ALA B 213 -26.98 10.98 16.49
C ALA B 213 -28.42 10.50 16.34
N VAL B 214 -28.64 9.36 15.64
CA VAL B 214 -29.99 8.82 15.39
C VAL B 214 -30.46 7.88 16.51
N GLY B 215 -29.57 7.58 17.46
CA GLY B 215 -29.87 6.73 18.61
C GLY B 215 -29.76 5.23 18.38
N LEU B 216 -28.84 4.80 17.50
CA LEU B 216 -28.61 3.38 17.23
C LEU B 216 -27.55 2.82 18.17
N GLU B 217 -27.95 1.78 18.92
CA GLU B 217 -27.12 1.05 19.86
C GLU B 217 -26.62 -0.19 19.13
N TYR B 218 -25.32 -0.54 19.31
CA TYR B 218 -24.70 -1.65 18.58
C TYR B 218 -23.59 -2.38 19.34
N ILE B 219 -23.15 -3.53 18.78
CA ILE B 219 -22.05 -4.32 19.31
C ILE B 219 -20.74 -3.78 18.75
N VAL B 220 -19.75 -3.55 19.62
CA VAL B 220 -18.42 -3.07 19.18
C VAL B 220 -17.59 -4.35 18.89
N GLU B 221 -18.08 -5.06 17.84
CA GLU B 221 -17.71 -6.37 17.29
C GLU B 221 -16.20 -6.73 17.35
N GLU B 222 -15.95 -7.72 18.20
CA GLU B 222 -14.69 -8.38 18.50
C GLU B 222 -15.11 -9.82 18.83
N CYS B 223 -14.93 -10.73 17.85
CA CYS B 223 -15.34 -12.12 17.99
C CYS B 223 -14.53 -12.86 19.07
N PRO B 224 -15.20 -13.63 19.98
CA PRO B 224 -14.45 -14.36 21.02
C PRO B 224 -13.46 -15.40 20.48
N TYR B 225 -13.61 -15.79 19.19
CA TYR B 225 -12.74 -16.74 18.50
C TYR B 225 -11.66 -16.01 17.68
N GLY B 228 -5.97 -12.45 16.12
CA GLY B 228 -5.24 -11.54 15.25
C GLY B 228 -6.05 -10.33 14.83
N ALA B 229 -5.42 -9.14 14.84
CA ALA B 229 -6.08 -7.88 14.46
C ALA B 229 -5.45 -7.27 13.21
N THR B 230 -5.46 -8.01 12.08
CA THR B 230 -4.91 -7.59 10.78
C THR B 230 -5.62 -6.34 10.24
N THR B 231 -6.96 -6.35 10.21
CA THR B 231 -7.79 -5.24 9.74
C THR B 231 -7.57 -3.98 10.57
N LEU B 232 -7.53 -4.10 11.91
CA LEU B 232 -7.29 -2.98 12.83
C LEU B 232 -5.91 -2.35 12.64
N ASP B 233 -4.90 -3.18 12.29
CA ASP B 233 -3.55 -2.75 11.98
C ASP B 233 -3.55 -1.90 10.71
N MET B 234 -4.28 -2.37 9.65
CA MET B 234 -4.39 -1.65 8.37
C MET B 234 -5.17 -0.36 8.57
N LYS B 235 -6.25 -0.41 9.37
CA LYS B 235 -7.12 0.73 9.68
C LYS B 235 -6.37 1.83 10.42
N GLY B 236 -5.60 1.46 11.45
CA GLY B 236 -4.80 2.39 12.24
C GLY B 236 -3.77 3.10 11.39
N VAL B 237 -3.12 2.34 10.50
CA VAL B 237 -2.10 2.81 9.57
C VAL B 237 -2.70 3.83 8.57
N LEU B 238 -3.86 3.51 7.97
CA LEU B 238 -4.53 4.38 7.02
C LEU B 238 -5.11 5.64 7.69
N ASN B 239 -5.45 5.54 9.00
CA ASN B 239 -5.93 6.66 9.82
C ASN B 239 -4.80 7.62 10.10
N GLU B 240 -3.58 7.07 10.33
CA GLU B 240 -2.35 7.84 10.56
C GLU B 240 -2.07 8.66 9.29
N LEU B 241 -2.11 8.00 8.10
CA LEU B 241 -1.90 8.61 6.79
C LEU B 241 -2.94 9.67 6.49
N GLU B 242 -4.22 9.40 6.84
CA GLU B 242 -5.36 10.30 6.63
C GLU B 242 -5.22 11.57 7.47
N GLU B 243 -4.71 11.42 8.71
CA GLU B 243 -4.48 12.52 9.67
C GLU B 243 -3.48 13.55 9.11
N LYS B 244 -2.46 13.08 8.39
CA LYS B 244 -1.43 13.93 7.77
C LYS B 244 -1.94 14.48 6.42
N ARG B 245 -2.47 13.59 5.56
CA ARG B 245 -2.98 13.94 4.23
C ARG B 245 -4.47 13.56 4.12
N PRO B 246 -5.43 14.49 4.32
CA PRO B 246 -6.84 14.12 4.22
C PRO B 246 -7.23 13.81 2.77
N GLY B 247 -8.10 12.80 2.61
CA GLY B 247 -8.53 12.34 1.30
C GLY B 247 -7.72 11.14 0.80
N THR B 248 -6.75 10.65 1.62
CA THR B 248 -5.89 9.50 1.30
C THR B 248 -6.74 8.27 1.00
N LYS B 249 -7.62 7.86 1.96
CA LYS B 249 -8.52 6.71 1.86
C LYS B 249 -9.40 6.80 0.63
N PHE B 250 -9.97 8.00 0.37
CA PHE B 250 -10.85 8.23 -0.77
C PHE B 250 -10.14 8.10 -2.11
N ASN B 251 -8.98 8.77 -2.28
CA ASN B 251 -8.18 8.75 -3.52
C ASN B 251 -7.57 7.40 -3.78
N PHE B 252 -7.30 6.66 -2.71
CA PHE B 252 -6.75 5.32 -2.81
C PHE B 252 -7.81 4.37 -3.36
N VAL B 253 -9.03 4.47 -2.84
CA VAL B 253 -10.15 3.62 -3.23
C VAL B 253 -10.68 4.01 -4.62
N ARG B 254 -10.86 5.33 -4.88
CA ARG B 254 -11.33 5.86 -6.16
C ARG B 254 -10.32 5.63 -7.29
N GLY B 255 -9.03 5.73 -6.94
CA GLY B 255 -7.93 5.50 -7.86
C GLY B 255 -7.87 4.03 -8.26
N TYR B 256 -8.15 3.15 -7.29
CA TYR B 256 -8.20 1.71 -7.46
C TYR B 256 -9.29 1.31 -8.45
N LEU B 257 -10.47 1.98 -8.39
CA LEU B 257 -11.60 1.68 -9.28
C LEU B 257 -11.27 2.01 -10.74
N LYS B 258 -10.44 3.05 -10.95
CA LYS B 258 -9.95 3.47 -12.27
C LYS B 258 -8.96 2.46 -12.84
N LYS B 259 -8.17 1.79 -11.97
CA LYS B 259 -7.13 0.85 -12.38
C LYS B 259 -7.40 -0.62 -12.02
N LYS B 260 -8.63 -0.95 -11.57
CA LYS B 260 -9.05 -2.31 -11.19
C LYS B 260 -8.89 -3.27 -12.39
N LYS B 261 -9.18 -2.76 -13.61
CA LYS B 261 -9.08 -3.40 -14.93
C LYS B 261 -7.74 -4.14 -15.13
N LEU B 262 -6.65 -3.64 -14.50
CA LEU B 262 -5.29 -4.20 -14.57
C LEU B 262 -5.18 -5.54 -13.84
N PHE B 263 -6.03 -5.77 -12.82
CA PHE B 263 -6.03 -6.99 -12.02
C PHE B 263 -6.99 -8.02 -12.58
N GLU B 264 -7.91 -7.59 -13.48
CA GLU B 264 -8.90 -8.43 -14.15
C GLU B 264 -8.27 -9.61 -14.94
N PRO B 265 -7.12 -9.49 -15.66
CA PRO B 265 -6.54 -10.67 -16.33
C PRO B 265 -6.01 -11.78 -15.40
N GLU B 266 -6.13 -11.58 -14.06
CA GLU B 266 -5.72 -12.56 -13.06
C GLU B 266 -6.92 -13.39 -12.60
N ILE B 267 -7.94 -13.47 -13.48
CA ILE B 267 -9.21 -14.21 -13.34
C ILE B 267 -9.01 -15.64 -12.85
N LYS B 268 -8.26 -16.48 -13.62
CA LYS B 268 -7.99 -17.90 -13.35
C LYS B 268 -9.32 -18.65 -13.17
N GLU B 269 -10.25 -18.37 -14.12
CA GLU B 269 -11.62 -18.88 -14.16
C GLU B 269 -11.74 -20.39 -14.37
N LYS B 270 -12.47 -21.05 -13.46
CA LYS B 270 -12.78 -22.48 -13.46
C LYS B 270 -14.22 -22.69 -13.93
N GLU B 271 -14.60 -23.94 -14.27
CA GLU B 271 -15.94 -24.28 -14.73
C GLU B 271 -17.01 -24.01 -13.66
N ILE B 272 -18.11 -23.32 -14.06
CA ILE B 272 -19.22 -22.95 -13.18
C ILE B 272 -20.21 -24.12 -13.10
N LYS B 273 -20.35 -24.70 -11.91
CA LYS B 273 -21.22 -25.86 -11.65
C LYS B 273 -22.33 -25.55 -10.62
N GLU B 274 -23.36 -26.41 -10.55
CA GLU B 274 -24.47 -26.29 -9.62
C GLU B 274 -24.37 -27.42 -8.59
N CYS B 275 -24.51 -27.08 -7.30
CA CYS B 275 -24.41 -28.04 -6.19
C CYS B 275 -25.47 -29.15 -6.26
N LYS B 276 -25.01 -30.41 -6.17
CA LYS B 276 -25.82 -31.64 -6.21
C LYS B 276 -26.87 -31.70 -5.09
N ILE B 277 -26.65 -30.92 -3.99
CA ILE B 277 -27.51 -30.90 -2.81
C ILE B 277 -28.49 -29.70 -2.77
N CYS B 278 -27.98 -28.48 -2.97
CA CYS B 278 -28.77 -27.24 -2.86
C CYS B 278 -28.92 -26.44 -4.16
N ARG B 279 -28.31 -26.89 -5.27
CA ARG B 279 -28.35 -26.25 -6.60
C ARG B 279 -27.69 -24.84 -6.64
N MET B 280 -27.10 -24.38 -5.52
CA MET B 280 -26.45 -23.06 -5.47
C MET B 280 -25.09 -23.11 -6.17
N PRO B 281 -24.53 -21.97 -6.68
CA PRO B 281 -23.23 -22.04 -7.38
C PRO B 281 -22.15 -22.81 -6.60
N SER B 282 -21.51 -23.78 -7.30
CA SER B 282 -20.52 -24.69 -6.73
C SER B 282 -19.32 -24.95 -7.64
N SER B 283 -18.18 -25.34 -7.02
CA SER B 283 -16.93 -25.74 -7.66
C SER B 283 -16.84 -27.24 -7.37
N GLY B 284 -17.29 -28.05 -8.32
CA GLY B 284 -17.37 -29.49 -8.18
C GLY B 284 -18.80 -29.96 -7.97
N ASP B 285 -18.97 -31.26 -7.60
CA ASP B 285 -20.28 -31.91 -7.35
C ASP B 285 -21.08 -31.22 -6.24
N ILE B 286 -20.46 -31.04 -5.07
CA ILE B 286 -21.04 -30.42 -3.87
C ILE B 286 -20.28 -29.13 -3.57
N CYS B 287 -21.00 -28.07 -3.15
CA CYS B 287 -20.39 -26.79 -2.80
C CYS B 287 -19.71 -26.87 -1.44
N ALA B 288 -18.80 -25.92 -1.16
CA ALA B 288 -18.05 -25.83 0.10
C ALA B 288 -18.94 -25.85 1.35
N PHE B 289 -20.13 -25.22 1.28
CA PHE B 289 -21.11 -25.15 2.36
C PHE B 289 -21.66 -26.52 2.74
N CYS B 290 -22.23 -27.26 1.77
CA CYS B 290 -22.81 -28.57 2.00
C CYS B 290 -21.78 -29.63 2.39
N LYS B 291 -20.53 -29.48 1.89
CA LYS B 291 -19.41 -30.36 2.19
C LYS B 291 -19.00 -30.20 3.65
N PHE B 292 -18.76 -28.94 4.08
CA PHE B 292 -18.36 -28.59 5.44
C PHE B 292 -19.40 -28.97 6.50
N TRP B 293 -20.67 -28.63 6.26
CA TRP B 293 -21.75 -28.89 7.21
C TRP B 293 -22.32 -30.32 7.12
N GLY B 294 -21.80 -31.11 6.17
CA GLY B 294 -22.19 -32.50 5.93
C GLY B 294 -23.67 -32.66 5.65
N LEU B 295 -24.20 -31.77 4.80
CA LEU B 295 -25.62 -31.71 4.43
C LEU B 295 -25.97 -32.63 3.27
N LYS B 296 -27.04 -33.41 3.43
CA LYS B 296 -27.56 -34.36 2.43
C LYS B 296 -28.73 -33.75 1.67
N LYS B 297 -29.47 -32.84 2.33
CA LYS B 297 -30.65 -32.16 1.78
C LYS B 297 -30.45 -30.63 1.71
N GLU B 298 -31.29 -29.97 0.90
CA GLU B 298 -31.27 -28.52 0.71
C GLU B 298 -32.01 -27.81 1.84
N ILE B 299 -31.49 -26.63 2.21
CA ILE B 299 -32.11 -25.77 3.21
C ILE B 299 -32.93 -24.73 2.45
N ASN B 300 -34.22 -24.65 2.76
CA ASN B 300 -35.10 -23.68 2.14
C ASN B 300 -35.31 -22.54 3.12
N PHE B 301 -34.89 -21.34 2.71
CA PHE B 301 -34.98 -20.12 3.49
C PHE B 301 -36.22 -19.31 3.18
N LYS B 302 -37.06 -19.78 2.22
CA LYS B 302 -38.32 -19.14 1.82
C LYS B 302 -39.24 -18.99 3.03
N VAL B 303 -39.66 -17.75 3.31
CA VAL B 303 -40.52 -17.40 4.45
C VAL B 303 -41.80 -16.71 4.00
N SER B 304 -42.86 -16.86 4.83
CA SER B 304 -44.17 -16.24 4.69
C SER B 304 -44.27 -15.18 5.80
N SER B 305 -43.87 -13.93 5.46
CA SER B 305 -43.82 -12.80 6.38
C SER B 305 -45.20 -12.18 6.63
N THR B 306 -45.86 -12.62 7.72
CA THR B 306 -47.18 -12.11 8.14
C THR B 306 -47.03 -10.84 8.97
P AMP C . 18.10 10.36 -3.07
O1P AMP C . 18.67 11.59 -2.33
O2P AMP C . 17.47 9.37 -2.04
O3P AMP C . 17.21 10.69 -4.22
O5' AMP C . 19.34 9.60 -3.65
C5' AMP C . 19.32 8.29 -4.25
C4' AMP C . 20.74 7.84 -4.47
O4' AMP C . 21.42 8.80 -5.31
C3' AMP C . 21.58 7.76 -3.21
O3' AMP C . 21.35 6.54 -2.54
C2' AMP C . 23.00 7.92 -3.77
O2' AMP C . 23.45 6.69 -4.32
C1' AMP C . 22.77 8.93 -4.92
N9 AMP C . 23.04 10.33 -4.58
C8 AMP C . 22.21 11.20 -3.92
N7 AMP C . 22.71 12.40 -3.78
C5 AMP C . 23.95 12.33 -4.38
C6 AMP C . 24.99 13.26 -4.56
N6 AMP C . 24.96 14.50 -4.05
N1 AMP C . 26.10 12.87 -5.24
C2 AMP C . 26.16 11.61 -5.68
N3 AMP C . 25.26 10.63 -5.56
C4 AMP C . 24.17 11.05 -4.89
ZN ZN D . 28.76 -13.79 16.53
ZN ZN E . 20.63 18.19 -23.27
FE1 FES F . 16.41 18.82 -1.50
FE2 FES F . 18.28 17.98 -3.23
S1 FES F . 17.53 20.04 -2.96
S2 FES F . 16.95 16.76 -2.00
P AMP G . -18.05 -8.77 8.45
O1P AMP G . -16.79 -8.45 7.63
O2P AMP G . -17.96 -10.09 9.19
O3P AMP G . -18.36 -7.57 9.36
O5' AMP G . -19.26 -8.81 7.39
C5' AMP G . -19.55 -7.78 6.42
C4' AMP G . -21.02 -7.40 6.46
O4' AMP G . -21.84 -8.59 6.43
C3' AMP G . -21.48 -6.62 7.68
O3' AMP G . -21.20 -5.23 7.57
C2' AMP G . -22.98 -6.92 7.70
O2' AMP G . -23.67 -6.07 6.80
C1' AMP G . -23.01 -8.39 7.22
N9 AMP G . -23.06 -9.40 8.28
C8 AMP G . -22.03 -9.77 9.10
N7 AMP G . -22.37 -10.63 10.04
C5 AMP G . -23.73 -10.84 9.81
C6 AMP G . -24.70 -11.60 10.49
N6 AMP G . -24.43 -12.35 11.57
N1 AMP G . -25.97 -11.57 10.02
C2 AMP G . -26.23 -10.83 8.94
N3 AMP G . -25.41 -10.06 8.22
C4 AMP G . -24.16 -10.10 8.71
ZN ZN H . -26.05 23.03 11.53
ZN ZN I . -24.47 -26.91 -1.68
FE1 FES J . -15.40 -14.70 14.38
FE2 FES J . -17.59 -14.93 12.82
S1 FES J . -16.67 -16.48 14.08
S2 FES J . -16.25 -13.21 13.01
#